data_4UUH
#
_entry.id   4UUH
#
_cell.length_a   81.320
_cell.length_b   80.890
_cell.length_c   83.700
_cell.angle_alpha   90.00
_cell.angle_beta   90.00
_cell.angle_gamma   90.00
#
_symmetry.space_group_name_H-M   'I 21 21 21'
#
loop_
_entity.id
_entity.type
_entity.pdbx_description
1 polymer TANKYRASE-1
2 non-polymer 'ZINC ION'
3 non-polymer GLYCEROL
4 non-polymer 1,2-ETHANEDIOL
5 non-polymer 5-methyl-3-[4-(piperazin-1-ylmethyl)phenyl]isoquinolin-1(2H)-one
6 water water
#
_entity_poly.entity_id   1
_entity_poly.type   'polypeptide(L)'
_entity_poly.pdbx_seq_one_letter_code
;MHHHHHHSSGVDLGTENLYFQSMQGTNPYLTFHCVNQGTILLDLAPEDKEYQSVEEEMQSTIREHRDGGNAGGIFNRYNV
IRIQKVVNKKLRERFCHRQKEVSEENHNHHNERMLFHGSPFINAIIHKGFDERHAYIGGMFGAGIYFAENSSKSNQYVYG
IGGGTGCPTHKDRSCYICHRQMLFCRVTLGKSFLQFSTIKMAHAPPGHHSVIGRPSVNGLAYAEYVIYRGEQAYPEYLIT
YQIMKPEAPSQTATAAEQ
;
_entity_poly.pdbx_strand_id   A
#
# COMPACT_ATOMS: atom_id res chain seq x y z
N GLY A 38 9.56 -1.55 -19.47
CA GLY A 38 10.33 -0.38 -19.04
C GLY A 38 9.56 0.54 -18.11
N THR A 39 10.01 0.62 -16.84
CA THR A 39 9.50 1.52 -15.79
C THR A 39 10.42 2.74 -15.72
N ILE A 40 9.84 3.95 -15.60
CA ILE A 40 10.57 5.20 -15.41
C ILE A 40 10.15 5.78 -14.04
N LEU A 41 11.16 6.12 -13.22
CA LEU A 41 11.01 6.73 -11.90
C LEU A 41 11.35 8.19 -12.04
N LEU A 42 10.37 9.08 -11.85
CA LEU A 42 10.56 10.53 -11.93
C LEU A 42 10.60 11.10 -10.55
N ASP A 43 11.67 11.81 -10.23
CA ASP A 43 11.80 12.43 -8.93
C ASP A 43 10.93 13.67 -8.78
N LEU A 44 10.16 13.70 -7.69
CA LEU A 44 9.38 14.88 -7.39
C LEU A 44 10.28 15.77 -6.54
N ALA A 45 10.22 17.09 -6.75
CA ALA A 45 11.05 18.02 -5.97
C ALA A 45 10.37 18.32 -4.64
N PRO A 46 11.14 18.46 -3.52
CA PRO A 46 10.50 18.74 -2.24
C PRO A 46 9.67 20.03 -2.22
N GLU A 47 9.98 20.98 -3.12
CA GLU A 47 9.23 22.25 -3.25
C GLU A 47 7.87 22.03 -3.97
N ASP A 48 7.77 20.95 -4.77
CA ASP A 48 6.57 20.54 -5.52
C ASP A 48 5.37 20.32 -4.57
N LYS A 49 4.19 20.84 -4.97
CA LYS A 49 2.95 20.68 -4.20
C LYS A 49 2.54 19.18 -4.12
N GLU A 50 2.84 18.41 -5.20
CA GLU A 50 2.58 16.97 -5.34
C GLU A 50 3.40 16.17 -4.30
N TYR A 51 4.72 16.44 -4.20
CA TYR A 51 5.63 15.87 -3.21
C TYR A 51 5.08 16.16 -1.77
N GLN A 52 4.72 17.43 -1.51
CA GLN A 52 4.22 17.93 -0.23
C GLN A 52 2.92 17.25 0.20
N SER A 53 1.96 17.09 -0.73
CA SER A 53 0.70 16.38 -0.57
C SER A 53 0.94 14.90 -0.17
N VAL A 54 1.86 14.22 -0.88
CA VAL A 54 2.20 12.80 -0.62
C VAL A 54 2.80 12.70 0.82
N GLU A 55 3.85 13.54 1.15
CA GLU A 55 4.47 13.52 2.47
C GLU A 55 3.48 13.83 3.58
N GLU A 56 2.64 14.87 3.40
CA GLU A 56 1.59 15.23 4.34
C GLU A 56 0.72 14.02 4.65
N GLU A 57 0.28 13.30 3.60
CA GLU A 57 -0.57 12.12 3.74
C GLU A 57 0.16 11.02 4.48
N MET A 58 1.45 10.83 4.19
CA MET A 58 2.30 9.83 4.83
C MET A 58 2.48 10.15 6.33
N GLN A 59 2.91 11.39 6.66
CA GLN A 59 3.17 11.83 8.04
C GLN A 59 1.90 11.87 8.91
N SER A 60 0.84 12.52 8.43
CA SER A 60 -0.40 12.72 9.18
C SER A 60 -1.22 11.44 9.45
N THR A 61 -0.95 10.32 8.75
CA THR A 61 -1.72 9.08 8.97
C THR A 61 -0.98 8.12 9.93
N ILE A 62 0.15 8.55 10.54
CA ILE A 62 0.84 7.74 11.55
C ILE A 62 -0.11 7.63 12.79
N ARG A 63 -0.25 6.40 13.34
CA ARG A 63 -1.06 6.07 14.51
C ARG A 63 -0.32 5.01 15.34
N GLU A 64 -0.83 4.70 16.57
CA GLU A 64 -0.24 3.71 17.48
C GLU A 64 -0.79 2.29 17.22
N HIS A 65 0.09 1.29 17.32
CA HIS A 65 -0.20 -0.12 17.07
C HIS A 65 -0.11 -0.88 18.38
N ARG A 66 -1.03 -1.84 18.59
CA ARG A 66 -1.11 -2.62 19.83
C ARG A 66 0.08 -3.63 20.01
N ASP A 67 1.05 -3.64 19.07
CA ASP A 67 2.24 -4.51 19.15
C ASP A 67 3.47 -3.71 19.66
N GLY A 68 3.23 -2.48 20.10
CA GLY A 68 4.24 -1.54 20.61
C GLY A 68 5.40 -1.27 19.66
N GLY A 69 5.11 -1.28 18.36
CA GLY A 69 6.08 -1.08 17.30
C GLY A 69 6.99 -2.29 17.12
N ASN A 70 6.53 -3.48 17.49
CA ASN A 70 7.39 -4.66 17.34
C ASN A 70 7.65 -4.97 15.82
N ALA A 71 6.63 -4.80 14.94
CA ALA A 71 6.71 -5.08 13.51
C ALA A 71 7.42 -3.98 12.73
N GLY A 72 6.96 -2.74 12.84
CA GLY A 72 7.51 -1.60 12.11
C GLY A 72 8.59 -0.76 12.78
N GLY A 73 8.69 -0.85 14.12
CA GLY A 73 9.62 -0.05 14.89
C GLY A 73 8.95 1.06 15.67
N ILE A 74 9.75 1.78 16.48
CA ILE A 74 9.27 2.87 17.33
C ILE A 74 9.64 4.23 16.71
N PHE A 75 8.63 5.04 16.36
CA PHE A 75 8.77 6.36 15.76
C PHE A 75 7.45 7.14 15.91
N ASN A 76 7.51 8.47 15.73
CA ASN A 76 6.35 9.39 15.74
C ASN A 76 6.32 10.13 14.41
N ARG A 77 7.42 10.02 13.65
CA ARG A 77 7.60 10.70 12.37
C ARG A 77 8.59 9.91 11.48
N TYR A 78 8.55 10.19 10.17
CA TYR A 78 9.46 9.65 9.14
C TYR A 78 10.42 10.68 8.67
N ASN A 79 11.54 10.24 8.12
CA ASN A 79 12.42 11.17 7.44
C ASN A 79 12.35 10.77 5.97
N VAL A 80 11.58 11.54 5.18
CA VAL A 80 11.34 11.28 3.77
C VAL A 80 12.58 11.70 2.96
N ILE A 81 13.25 10.72 2.30
CA ILE A 81 14.47 10.89 1.51
C ILE A 81 14.10 11.36 0.08
N ARG A 82 13.29 10.56 -0.66
CA ARG A 82 12.78 10.99 -1.94
C ARG A 82 11.41 10.39 -2.16
N ILE A 83 10.66 10.98 -3.10
CA ILE A 83 9.34 10.54 -3.56
C ILE A 83 9.43 10.52 -5.08
N GLN A 84 9.13 9.36 -5.68
CA GLN A 84 9.19 9.15 -7.14
C GLN A 84 7.87 8.68 -7.72
N LYS A 85 7.48 9.27 -8.85
CA LYS A 85 6.31 8.88 -9.65
C LYS A 85 6.76 7.68 -10.50
N VAL A 86 6.03 6.55 -10.41
CA VAL A 86 6.28 5.32 -11.20
C VAL A 86 5.53 5.42 -12.52
N VAL A 87 6.25 5.31 -13.65
CA VAL A 87 5.68 5.38 -15.02
C VAL A 87 5.96 4.10 -15.75
N ASN A 88 4.91 3.40 -16.18
CA ASN A 88 5.02 2.16 -16.95
C ASN A 88 3.78 2.03 -17.82
N LYS A 89 3.95 2.09 -19.14
CA LYS A 89 2.88 2.02 -20.14
C LYS A 89 1.97 0.79 -19.98
N LYS A 90 2.56 -0.41 -19.82
CA LYS A 90 1.84 -1.68 -19.72
C LYS A 90 1.06 -1.78 -18.42
N LEU A 91 1.60 -1.24 -17.32
CA LEU A 91 0.92 -1.25 -16.02
C LEU A 91 -0.26 -0.29 -16.05
N ARG A 92 -0.07 0.94 -16.61
CA ARG A 92 -1.12 1.94 -16.76
C ARG A 92 -2.26 1.39 -17.61
N GLU A 93 -1.94 0.66 -18.72
CA GLU A 93 -2.92 0.03 -19.62
C GLU A 93 -3.74 -1.04 -18.92
N ARG A 94 -3.10 -1.95 -18.17
CA ARG A 94 -3.82 -2.96 -17.39
C ARG A 94 -4.81 -2.33 -16.37
N PHE A 95 -4.35 -1.31 -15.67
CA PHE A 95 -5.09 -0.55 -14.67
C PHE A 95 -6.29 0.20 -15.31
N CYS A 96 -6.05 0.92 -16.42
CA CYS A 96 -7.07 1.71 -17.09
C CYS A 96 -8.13 0.83 -17.74
N HIS A 97 -7.72 -0.32 -18.29
CA HIS A 97 -8.64 -1.30 -18.89
C HIS A 97 -9.61 -1.87 -17.82
N ARG A 98 -9.08 -2.14 -16.63
CA ARG A 98 -9.82 -2.70 -15.52
C ARG A 98 -10.74 -1.64 -14.86
N GLN A 99 -10.28 -0.38 -14.73
CA GLN A 99 -11.12 0.72 -14.21
C GLN A 99 -12.40 0.82 -15.02
N LYS A 100 -12.28 0.80 -16.38
CA LYS A 100 -13.40 0.82 -17.32
C LYS A 100 -14.38 -0.29 -17.04
N GLU A 101 -13.91 -1.53 -16.82
CA GLU A 101 -14.75 -2.69 -16.52
C GLU A 101 -15.48 -2.55 -15.19
N VAL A 102 -14.77 -1.98 -14.19
CA VAL A 102 -15.30 -1.81 -12.85
C VAL A 102 -16.40 -0.75 -12.86
N SER A 103 -16.19 0.39 -13.56
CA SER A 103 -17.19 1.46 -13.65
C SER A 103 -18.47 0.97 -14.35
N GLU A 104 -18.37 0.15 -15.44
CA GLU A 104 -19.53 -0.43 -16.13
C GLU A 104 -20.43 -1.26 -15.18
N GLU A 105 -19.79 -1.99 -14.27
CA GLU A 105 -20.41 -2.82 -13.24
C GLU A 105 -20.84 -2.04 -11.99
N ASN A 106 -20.48 -0.75 -11.88
CA ASN A 106 -20.71 0.08 -10.70
C ASN A 106 -21.18 1.48 -11.09
N HIS A 107 -22.22 1.55 -11.95
CA HIS A 107 -22.91 2.77 -12.38
C HIS A 107 -21.98 3.90 -12.81
N ASN A 108 -20.96 3.59 -13.61
CA ASN A 108 -19.97 4.52 -14.17
C ASN A 108 -19.10 5.16 -13.11
N HIS A 109 -18.83 4.44 -11.99
CA HIS A 109 -18.00 4.91 -10.90
C HIS A 109 -16.93 3.90 -10.56
N HIS A 110 -15.64 4.27 -10.69
CA HIS A 110 -14.61 3.28 -10.34
C HIS A 110 -14.22 3.35 -8.87
N ASN A 111 -14.64 4.44 -8.14
CA ASN A 111 -14.40 4.63 -6.72
C ASN A 111 -12.88 4.37 -6.39
N GLU A 112 -12.04 5.22 -6.93
CA GLU A 112 -10.60 5.11 -6.74
C GLU A 112 -10.21 5.84 -5.44
N ARG A 113 -9.22 5.26 -4.71
CA ARG A 113 -8.65 5.80 -3.47
CA ARG A 113 -8.66 5.80 -3.47
C ARG A 113 -7.15 5.76 -3.51
N MET A 114 -6.50 6.68 -2.76
CA MET A 114 -5.06 6.70 -2.64
C MET A 114 -4.79 5.99 -1.37
N LEU A 115 -4.17 4.82 -1.43
CA LEU A 115 -3.91 3.97 -0.25
C LEU A 115 -2.46 3.52 -0.18
N PHE A 116 -1.98 3.23 1.02
CA PHE A 116 -0.59 2.83 1.22
C PHE A 116 -0.35 1.32 1.05
N HIS A 117 0.89 0.94 0.68
CA HIS A 117 1.27 -0.45 0.54
C HIS A 117 2.73 -0.62 0.86
N GLY A 118 3.00 -1.52 1.79
CA GLY A 118 4.32 -1.94 2.25
C GLY A 118 4.44 -3.43 1.95
N SER A 119 5.56 -3.82 1.35
CA SER A 119 5.86 -5.15 0.85
C SER A 119 7.36 -5.38 0.69
N PRO A 120 7.88 -6.62 0.89
CA PRO A 120 9.31 -6.83 0.62
C PRO A 120 9.55 -7.05 -0.89
N PHE A 121 8.45 -7.16 -1.70
CA PHE A 121 8.38 -7.37 -3.15
C PHE A 121 8.13 -6.04 -3.89
N ILE A 122 8.47 -4.91 -3.28
CA ILE A 122 8.27 -3.57 -3.83
C ILE A 122 8.94 -3.38 -5.24
N ASN A 123 10.11 -3.98 -5.51
CA ASN A 123 10.81 -3.89 -6.80
C ASN A 123 10.06 -4.64 -7.90
N ALA A 124 9.52 -5.82 -7.58
CA ALA A 124 8.70 -6.58 -8.49
C ALA A 124 7.38 -5.83 -8.82
N ILE A 125 6.78 -5.10 -7.85
CA ILE A 125 5.56 -4.31 -8.07
C ILE A 125 5.79 -3.17 -9.10
N ILE A 126 6.83 -2.36 -8.90
CA ILE A 126 7.09 -1.21 -9.78
C ILE A 126 7.52 -1.64 -11.20
N HIS A 127 7.81 -2.96 -11.42
CA HIS A 127 8.23 -3.42 -12.72
C HIS A 127 7.23 -4.33 -13.35
N LYS A 128 6.58 -5.18 -12.56
CA LYS A 128 5.63 -6.18 -13.09
C LYS A 128 4.18 -5.92 -12.64
N GLY A 129 3.98 -5.01 -11.69
CA GLY A 129 2.69 -4.70 -11.11
C GLY A 129 2.31 -5.59 -9.95
N PHE A 130 1.14 -5.31 -9.34
CA PHE A 130 0.55 -6.07 -8.25
C PHE A 130 0.08 -7.38 -8.83
N ASP A 131 0.16 -8.45 -8.05
CA ASP A 131 -0.20 -9.79 -8.49
C ASP A 131 -0.92 -10.52 -7.33
N GLU A 132 -2.22 -10.84 -7.57
CA GLU A 132 -3.07 -11.59 -6.62
C GLU A 132 -2.54 -13.03 -6.39
N ARG A 133 -1.70 -13.54 -7.29
CA ARG A 133 -1.05 -14.86 -7.12
C ARG A 133 -0.06 -14.81 -5.92
N HIS A 134 0.28 -13.57 -5.43
CA HIS A 134 1.09 -13.25 -4.24
C HIS A 134 0.20 -12.67 -3.16
N ALA A 135 -1.06 -13.13 -3.08
CA ALA A 135 -2.02 -12.62 -2.09
C ALA A 135 -1.57 -12.98 -0.69
N TYR A 136 -1.95 -12.17 0.28
CA TYR A 136 -1.62 -12.36 1.67
C TYR A 136 -2.65 -13.34 2.30
N ILE A 137 -2.32 -14.66 2.29
CA ILE A 137 -3.14 -15.77 2.80
C ILE A 137 -3.52 -15.57 4.29
N GLY A 138 -2.59 -15.08 5.09
CA GLY A 138 -2.78 -14.87 6.51
C GLY A 138 -3.58 -13.65 6.91
N GLY A 139 -4.14 -12.93 5.95
CA GLY A 139 -4.94 -11.75 6.24
C GLY A 139 -6.27 -12.08 6.88
N MET A 140 -6.78 -11.14 7.70
CA MET A 140 -8.07 -11.24 8.39
C MET A 140 -9.26 -11.35 7.43
N PHE A 141 -9.12 -10.81 6.21
CA PHE A 141 -10.22 -10.80 5.26
C PHE A 141 -9.94 -11.73 4.04
N GLY A 142 -9.03 -12.69 4.23
CA GLY A 142 -8.71 -13.69 3.22
C GLY A 142 -7.60 -13.33 2.25
N ALA A 143 -7.37 -14.23 1.27
CA ALA A 143 -6.31 -14.13 0.27
C ALA A 143 -6.56 -13.01 -0.75
N GLY A 144 -6.11 -11.82 -0.38
CA GLY A 144 -6.17 -10.62 -1.21
C GLY A 144 -4.89 -9.83 -1.11
N ILE A 145 -4.87 -8.65 -1.77
CA ILE A 145 -3.81 -7.64 -1.75
C ILE A 145 -4.33 -6.55 -0.82
N TYR A 146 -3.59 -6.26 0.27
CA TYR A 146 -4.00 -5.34 1.32
C TYR A 146 -3.37 -3.97 1.20
N PHE A 147 -4.18 -2.96 1.45
CA PHE A 147 -3.80 -1.57 1.44
C PHE A 147 -4.32 -0.96 2.69
N ALA A 148 -3.54 -0.01 3.20
CA ALA A 148 -3.84 0.74 4.42
C ALA A 148 -4.14 2.23 4.14
N GLU A 149 -5.05 2.76 4.93
CA GLU A 149 -5.39 4.20 4.95
C GLU A 149 -4.26 4.93 5.72
N ASN A 150 -3.53 4.19 6.59
CA ASN A 150 -2.46 4.65 7.45
C ASN A 150 -1.11 4.12 7.00
N SER A 151 -0.16 5.06 6.74
CA SER A 151 1.21 4.75 6.34
C SER A 151 1.91 3.89 7.39
N SER A 152 1.58 4.08 8.68
CA SER A 152 2.18 3.31 9.78
C SER A 152 1.83 1.83 9.70
N LYS A 153 0.60 1.48 9.21
CA LYS A 153 0.23 0.07 9.08
C LYS A 153 1.04 -0.63 7.95
N SER A 154 1.20 0.01 6.79
CA SER A 154 1.96 -0.52 5.65
C SER A 154 3.47 -0.69 5.98
N ASN A 155 4.00 0.12 6.93
CA ASN A 155 5.37 0.09 7.42
C ASN A 155 5.69 -1.23 8.13
N GLN A 156 4.68 -1.89 8.71
CA GLN A 156 4.85 -3.18 9.39
C GLN A 156 5.17 -4.30 8.43
N TYR A 157 4.92 -4.07 7.12
CA TYR A 157 5.08 -5.09 6.09
C TYR A 157 6.27 -4.82 5.15
N VAL A 158 6.95 -3.65 5.28
CA VAL A 158 8.09 -3.34 4.38
C VAL A 158 9.16 -4.46 4.43
N TYR A 159 9.40 -5.09 5.63
CA TYR A 159 10.37 -6.18 5.74
C TYR A 159 9.70 -7.58 5.79
N GLY A 160 8.42 -7.67 5.48
CA GLY A 160 7.68 -8.93 5.46
C GLY A 160 6.61 -8.99 6.52
N ILE A 161 5.88 -10.14 6.59
CA ILE A 161 4.84 -10.38 7.62
C ILE A 161 5.48 -10.34 9.02
N GLY A 162 4.86 -9.57 9.92
CA GLY A 162 5.30 -9.37 11.30
C GLY A 162 6.57 -8.56 11.44
N GLY A 163 6.98 -7.92 10.33
CA GLY A 163 8.19 -7.14 10.22
C GLY A 163 9.35 -8.01 9.77
N GLY A 164 9.10 -9.31 9.56
CA GLY A 164 10.08 -10.31 9.17
C GLY A 164 11.27 -10.37 10.13
N THR A 165 12.49 -10.40 9.56
CA THR A 165 13.71 -10.37 10.35
C THR A 165 14.30 -8.93 10.35
N GLY A 166 13.49 -7.93 9.94
CA GLY A 166 13.91 -6.53 9.82
C GLY A 166 14.83 -6.26 8.63
N CYS A 167 15.56 -5.11 8.69
CA CYS A 167 16.49 -4.66 7.62
C CYS A 167 17.47 -5.77 7.24
N PRO A 168 17.78 -5.97 5.95
CA PRO A 168 18.69 -7.08 5.59
C PRO A 168 20.07 -6.96 6.24
N THR A 169 20.60 -5.73 6.37
CA THR A 169 21.93 -5.42 6.89
C THR A 169 22.07 -5.71 8.40
N HIS A 170 21.31 -5.03 9.26
CA HIS A 170 21.47 -5.19 10.70
C HIS A 170 20.38 -6.03 11.37
N LYS A 171 19.56 -6.77 10.58
CA LYS A 171 18.44 -7.65 11.04
C LYS A 171 17.68 -6.97 12.21
N ASP A 172 17.24 -5.73 11.98
CA ASP A 172 16.56 -4.88 12.97
C ASP A 172 15.24 -4.37 12.36
N ARG A 173 14.12 -4.72 13.01
CA ARG A 173 12.76 -4.34 12.60
C ARG A 173 12.51 -2.85 12.91
N SER A 174 13.36 -2.25 13.76
CA SER A 174 13.30 -0.83 14.09
C SER A 174 14.58 -0.10 13.63
N CYS A 175 15.25 -0.57 12.56
CA CYS A 175 16.45 0.12 12.08
C CYS A 175 16.13 1.55 11.68
N TYR A 176 16.96 2.49 12.14
CA TYR A 176 16.80 3.91 11.83
C TYR A 176 17.85 4.36 10.82
N ILE A 177 18.70 3.42 10.37
CA ILE A 177 19.78 3.68 9.43
C ILE A 177 19.32 3.37 8.03
N CYS A 178 18.95 2.08 7.78
CA CYS A 178 18.55 1.58 6.46
C CYS A 178 17.31 2.33 5.92
N HIS A 179 17.34 2.67 4.62
CA HIS A 179 16.28 3.34 3.91
C HIS A 179 15.20 2.33 3.62
N ARG A 180 13.98 2.65 3.98
CA ARG A 180 12.85 1.78 3.72
C ARG A 180 12.12 2.31 2.51
N GLN A 181 11.21 1.51 1.94
CA GLN A 181 10.41 1.97 0.80
C GLN A 181 8.97 1.55 0.94
N MET A 182 8.04 2.45 0.60
CA MET A 182 6.62 2.11 0.54
C MET A 182 5.96 2.80 -0.65
N LEU A 183 4.80 2.29 -1.03
CA LEU A 183 4.03 2.84 -2.12
C LEU A 183 2.79 3.57 -1.65
N PHE A 184 2.41 4.61 -2.39
CA PHE A 184 1.16 5.33 -2.24
C PHE A 184 0.45 5.11 -3.58
N CYS A 185 -0.56 4.21 -3.59
CA CYS A 185 -1.18 3.69 -4.81
C CYS A 185 -2.53 4.25 -5.11
N ARG A 186 -2.92 4.14 -6.41
CA ARG A 186 -4.27 4.36 -6.96
C ARG A 186 -4.97 3.00 -6.83
N VAL A 187 -6.06 2.91 -6.07
CA VAL A 187 -6.76 1.64 -5.88
C VAL A 187 -8.20 1.78 -6.41
N THR A 188 -8.57 0.92 -7.37
CA THR A 188 -9.91 0.81 -7.94
C THR A 188 -10.70 -0.09 -6.99
N LEU A 189 -11.55 0.53 -6.14
CA LEU A 189 -12.35 -0.23 -5.17
C LEU A 189 -13.71 -0.66 -5.74
N GLY A 190 -14.24 0.08 -6.71
CA GLY A 190 -15.55 -0.19 -7.29
C GLY A 190 -16.60 -0.30 -6.21
N LYS A 191 -17.46 -1.33 -6.29
CA LYS A 191 -18.44 -1.51 -5.24
C LYS A 191 -17.76 -2.28 -4.11
N SER A 192 -17.50 -1.58 -3.01
CA SER A 192 -16.85 -2.15 -1.82
C SER A 192 -17.80 -2.95 -0.93
N PHE A 193 -17.29 -4.01 -0.34
CA PHE A 193 -18.07 -4.77 0.61
C PHE A 193 -17.48 -4.54 2.01
N LEU A 194 -18.24 -3.89 2.92
CA LEU A 194 -17.79 -3.62 4.27
C LEU A 194 -18.02 -4.84 5.18
N GLN A 195 -16.90 -5.40 5.66
CA GLN A 195 -16.79 -6.58 6.51
C GLN A 195 -16.35 -6.18 7.93
N PHE A 196 -16.93 -6.80 8.95
CA PHE A 196 -16.59 -6.47 10.35
C PHE A 196 -16.01 -7.67 11.05
N SER A 197 -16.44 -8.86 10.63
CA SER A 197 -15.97 -10.12 11.18
C SER A 197 -14.67 -10.55 10.48
N THR A 198 -14.07 -11.66 10.92
CA THR A 198 -12.82 -12.23 10.42
C THR A 198 -13.07 -13.28 9.29
N ILE A 199 -14.16 -13.11 8.51
CA ILE A 199 -14.54 -14.01 7.41
C ILE A 199 -13.49 -13.94 6.31
N LYS A 200 -12.79 -15.06 6.10
CA LYS A 200 -11.78 -15.20 5.07
C LYS A 200 -12.45 -15.53 3.73
N MET A 201 -12.26 -14.66 2.73
CA MET A 201 -12.78 -14.80 1.37
C MET A 201 -11.65 -14.92 0.36
N ALA A 202 -11.86 -15.72 -0.65
CA ALA A 202 -10.88 -15.92 -1.73
C ALA A 202 -11.05 -14.86 -2.80
N HIS A 203 -12.29 -14.38 -2.99
CA HIS A 203 -12.67 -13.37 -3.98
C HIS A 203 -13.63 -12.41 -3.34
N ALA A 204 -13.96 -11.30 -4.01
CA ALA A 204 -14.91 -10.32 -3.50
C ALA A 204 -16.31 -10.93 -3.53
N PRO A 205 -17.29 -10.54 -2.67
CA PRO A 205 -18.64 -11.13 -2.78
C PRO A 205 -19.30 -10.81 -4.15
N PRO A 206 -20.33 -11.58 -4.61
CA PRO A 206 -21.00 -11.23 -5.87
C PRO A 206 -21.39 -9.75 -5.97
N GLY A 207 -21.18 -9.15 -7.15
CA GLY A 207 -21.47 -7.74 -7.41
C GLY A 207 -20.48 -6.75 -6.83
N HIS A 208 -19.45 -7.23 -6.08
CA HIS A 208 -18.48 -6.33 -5.43
C HIS A 208 -17.12 -6.48 -6.05
N HIS A 209 -16.26 -5.46 -5.88
CA HIS A 209 -14.92 -5.38 -6.47
C HIS A 209 -13.78 -5.31 -5.42
N SER A 210 -14.14 -5.23 -4.14
CA SER A 210 -13.19 -5.12 -3.05
C SER A 210 -13.88 -5.41 -1.73
N VAL A 211 -13.08 -5.49 -0.67
CA VAL A 211 -13.51 -5.67 0.72
C VAL A 211 -12.82 -4.59 1.54
N ILE A 212 -13.60 -3.92 2.41
CA ILE A 212 -13.16 -2.96 3.44
C ILE A 212 -13.39 -3.68 4.79
N GLY A 213 -12.34 -3.82 5.58
CA GLY A 213 -12.42 -4.51 6.87
C GLY A 213 -12.15 -3.60 8.04
N ARG A 214 -12.98 -3.70 9.09
CA ARG A 214 -12.86 -2.88 10.31
C ARG A 214 -13.05 -3.72 11.58
N PRO A 215 -12.54 -3.29 12.76
CA PRO A 215 -12.76 -4.09 14.00
C PRO A 215 -14.20 -3.95 14.52
N TYR A 222 -6.87 0.05 12.46
CA TYR A 222 -7.86 0.76 11.64
C TYR A 222 -8.33 -0.08 10.41
N ALA A 223 -8.92 0.61 9.40
CA ALA A 223 -9.48 0.04 8.17
C ALA A 223 -8.44 -0.64 7.26
N GLU A 224 -8.78 -1.83 6.75
CA GLU A 224 -7.96 -2.58 5.80
C GLU A 224 -8.73 -2.71 4.47
N TYR A 225 -8.09 -2.31 3.36
CA TYR A 225 -8.67 -2.41 2.03
C TYR A 225 -8.05 -3.63 1.32
N VAL A 226 -8.90 -4.52 0.80
CA VAL A 226 -8.51 -5.77 0.14
C VAL A 226 -9.02 -5.83 -1.31
N ILE A 227 -8.13 -6.15 -2.25
CA ILE A 227 -8.44 -6.31 -3.67
C ILE A 227 -7.95 -7.70 -4.08
N TYR A 228 -8.64 -8.29 -5.00
CA TYR A 228 -8.38 -9.66 -5.39
C TYR A 228 -7.84 -9.73 -6.83
N ARG A 229 -7.64 -8.56 -7.48
CA ARG A 229 -7.07 -8.43 -8.80
C ARG A 229 -5.99 -7.38 -8.77
N GLY A 230 -4.79 -7.79 -9.22
CA GLY A 230 -3.60 -6.94 -9.26
C GLY A 230 -3.75 -5.68 -10.07
N GLU A 231 -4.57 -5.74 -11.12
CA GLU A 231 -4.79 -4.63 -12.06
C GLU A 231 -5.81 -3.60 -11.51
N GLN A 232 -6.25 -3.80 -10.25
CA GLN A 232 -7.12 -2.87 -9.50
C GLN A 232 -6.27 -1.91 -8.61
N ALA A 233 -4.95 -1.91 -8.80
CA ALA A 233 -4.06 -0.99 -8.10
C ALA A 233 -2.91 -0.61 -9.02
N TYR A 234 -2.53 0.66 -8.98
CA TYR A 234 -1.40 1.15 -9.74
C TYR A 234 -0.37 1.67 -8.74
N PRO A 235 0.93 1.27 -8.80
CA PRO A 235 1.90 1.80 -7.81
C PRO A 235 2.35 3.23 -8.13
N GLU A 236 1.44 4.20 -7.99
CA GLU A 236 1.63 5.64 -8.36
C GLU A 236 2.93 6.29 -7.82
N TYR A 237 3.18 6.20 -6.51
CA TYR A 237 4.36 6.82 -5.93
C TYR A 237 5.17 5.84 -5.14
N LEU A 238 6.50 5.92 -5.30
CA LEU A 238 7.50 5.15 -4.55
C LEU A 238 8.17 6.11 -3.55
N ILE A 239 7.88 5.91 -2.26
CA ILE A 239 8.40 6.77 -1.19
C ILE A 239 9.63 6.11 -0.57
N THR A 240 10.77 6.83 -0.50
CA THR A 240 12.00 6.35 0.15
C THR A 240 12.11 7.17 1.42
N TYR A 241 12.20 6.46 2.56
CA TYR A 241 12.18 7.08 3.87
C TYR A 241 12.95 6.29 4.91
N GLN A 242 13.08 6.86 6.09
CA GLN A 242 13.59 6.23 7.30
C GLN A 242 12.58 6.47 8.43
N ILE A 243 12.51 5.53 9.40
CA ILE A 243 11.68 5.76 10.59
C ILE A 243 12.58 6.62 11.52
N MET A 244 12.00 7.52 12.31
CA MET A 244 12.86 8.38 13.11
C MET A 244 12.89 7.98 14.58
N LYS A 245 14.12 7.96 15.17
CA LYS A 245 14.31 7.65 16.58
C LYS A 245 13.87 8.83 17.38
N PRO A 246 12.82 8.72 18.21
CA PRO A 246 12.42 9.90 19.03
C PRO A 246 13.57 10.36 19.96
N GLU A 247 13.73 11.71 20.13
CA GLU A 247 14.74 12.36 20.98
C GLU A 247 14.60 11.94 22.44
#